data_3C85
#
_entry.id   3C85
#
_cell.length_a   64.733
_cell.length_b   66.382
_cell.length_c   145.357
_cell.angle_alpha   90.00
_cell.angle_beta   90.00
_cell.angle_gamma   90.00
#
_symmetry.space_group_name_H-M   'P 21 21 21'
#
loop_
_entity.id
_entity.type
_entity.pdbx_description
1 polymer 'Putative glutathione-regulated potassium-efflux system protein KefB'
2 non-polymer 'SULFATE ION'
3 non-polymer 'ADENOSINE MONOPHOSPHATE'
4 water water
#
_entity_poly.entity_id   1
_entity_poly.type   'polypeptide(L)'
_entity_poly.pdbx_seq_one_letter_code
;SNAPLNRLGHKIYQHSGKWLQETAAEKLNQRDQLINPGHAQVLILG(MSE)GRIGTGAYDELRARYGKISLGIEIREEAA
QQHRSEGRNVISGDATDPDFWERILDTGHVKLVLLA(MSE)PHHQGNQTALEQLQRRNYKGQIAAIAEYPDQLEGLLESG
VDAAFNIYSEAGSGFARHVCKQLEPQFTSIK
;
_entity_poly.pdbx_strand_id   A,B,C,D
#
loop_
_chem_comp.id
_chem_comp.type
_chem_comp.name
_chem_comp.formula
AMP non-polymer 'ADENOSINE MONOPHOSPHATE' 'C10 H14 N5 O7 P'
SO4 non-polymer 'SULFATE ION' 'O4 S -2'
#
# COMPACT_ATOMS: atom_id res chain seq x y z
N GLN A 33 4.21 -62.00 2.01
CA GLN A 33 3.52 -60.71 1.82
C GLN A 33 4.52 -59.58 1.96
N LEU A 34 5.70 -59.80 1.40
CA LEU A 34 6.73 -58.78 1.47
C LEU A 34 6.31 -57.62 0.59
N ILE A 35 6.76 -56.42 0.95
CA ILE A 35 6.50 -55.22 0.16
C ILE A 35 7.79 -54.73 -0.45
N ASN A 36 7.84 -54.80 -1.77
CA ASN A 36 8.90 -54.26 -2.55
C ASN A 36 8.51 -52.90 -3.14
N PRO A 37 9.13 -51.78 -2.65
CA PRO A 37 8.71 -50.46 -3.07
C PRO A 37 9.27 -50.13 -4.46
N GLY A 38 10.07 -51.04 -5.00
CA GLY A 38 10.46 -50.97 -6.39
C GLY A 38 11.29 -49.75 -6.61
N HIS A 39 10.96 -48.96 -7.63
CA HIS A 39 11.70 -47.72 -7.95
C HIS A 39 11.27 -46.45 -7.20
N ALA A 40 10.30 -46.58 -6.28
CA ALA A 40 9.74 -45.39 -5.57
C ALA A 40 10.85 -44.64 -4.83
N GLN A 41 10.88 -43.33 -5.01
CA GLN A 41 11.85 -42.48 -4.36
C GLN A 41 11.20 -41.70 -3.20
N VAL A 42 9.86 -41.66 -3.19
CA VAL A 42 9.10 -40.96 -2.14
C VAL A 42 8.11 -41.97 -1.57
N LEU A 43 8.07 -42.10 -0.24
CA LEU A 43 7.03 -42.88 0.42
C LEU A 43 6.07 -41.86 1.03
N ILE A 44 4.78 -41.96 0.71
CA ILE A 44 3.80 -41.01 1.29
C ILE A 44 2.92 -41.77 2.26
N LEU A 45 3.07 -41.50 3.55
CA LEU A 45 2.33 -42.28 4.52
C LEU A 45 1.01 -41.57 4.81
N GLY A 46 -0.10 -42.10 4.31
CA GLY A 46 -1.41 -41.46 4.54
C GLY A 46 -1.77 -40.95 3.18
N MSE A 47 -2.87 -41.44 2.61
CA MSE A 47 -3.36 -40.93 1.31
C MSE A 47 -4.79 -40.42 1.42
O MSE A 47 -5.64 -40.71 0.55
CB MSE A 47 -3.21 -42.02 0.21
CG MSE A 47 -1.82 -42.30 -0.14
SE MSE A 47 -0.91 -40.88 -1.10
CE MSE A 47 -2.02 -40.84 -2.71
N GLY A 48 -5.04 -39.66 2.48
CA GLY A 48 -6.28 -38.83 2.62
C GLY A 48 -6.00 -37.67 1.71
N ARG A 49 -6.72 -36.58 1.87
CA ARG A 49 -6.64 -35.46 0.97
C ARG A 49 -5.27 -34.78 0.94
N ILE A 50 -4.61 -34.68 2.08
CA ILE A 50 -3.26 -34.10 2.08
C ILE A 50 -2.26 -34.94 1.25
N GLY A 51 -2.16 -36.21 1.60
CA GLY A 51 -1.21 -37.14 0.93
C GLY A 51 -1.48 -37.22 -0.56
N THR A 52 -2.77 -37.18 -0.92
CA THR A 52 -3.17 -37.21 -2.34
C THR A 52 -2.75 -35.93 -3.09
N GLY A 53 -2.93 -34.76 -2.49
CA GLY A 53 -2.45 -33.55 -3.12
C GLY A 53 -0.95 -33.53 -3.30
N ALA A 54 -0.23 -34.03 -2.29
CA ALA A 54 1.22 -34.14 -2.41
C ALA A 54 1.63 -35.12 -3.52
N TYR A 55 1.02 -36.29 -3.51
CA TYR A 55 1.29 -37.33 -4.55
C TYR A 55 1.11 -36.72 -5.94
N ASP A 56 -0.02 -36.04 -6.14
CA ASP A 56 -0.35 -35.49 -7.45
C ASP A 56 0.56 -34.33 -7.86
N GLU A 57 0.89 -33.47 -6.89
CA GLU A 57 1.85 -32.38 -7.12
C GLU A 57 3.27 -32.88 -7.49
N LEU A 58 3.76 -33.88 -6.76
CA LEU A 58 5.01 -34.55 -7.16
C LEU A 58 4.91 -35.24 -8.52
N ARG A 59 3.80 -35.94 -8.80
CA ARG A 59 3.65 -36.59 -10.11
C ARG A 59 3.75 -35.56 -11.25
N ALA A 60 3.14 -34.39 -11.06
CA ALA A 60 3.18 -33.32 -12.06
C ALA A 60 4.59 -32.81 -12.36
N ARG A 61 5.45 -32.73 -11.33
CA ARG A 61 6.82 -32.18 -11.46
C ARG A 61 7.84 -33.26 -11.83
N TYR A 62 7.71 -34.44 -11.22
CA TYR A 62 8.72 -35.49 -11.30
C TYR A 62 8.29 -36.82 -11.94
N GLY A 63 7.02 -36.99 -12.26
CA GLY A 63 6.54 -38.25 -12.81
C GLY A 63 6.27 -39.25 -11.69
N LYS A 64 6.26 -40.53 -12.03
CA LYS A 64 5.77 -41.58 -11.14
C LYS A 64 6.82 -42.04 -10.10
N ILE A 65 7.08 -41.21 -9.10
CA ILE A 65 8.19 -41.42 -8.17
C ILE A 65 7.75 -41.79 -6.78
N SER A 66 6.43 -41.84 -6.57
CA SER A 66 5.89 -42.03 -5.21
C SER A 66 5.16 -43.34 -5.00
N LEU A 67 5.18 -43.80 -3.75
CA LEU A 67 4.38 -44.93 -3.28
C LEU A 67 3.58 -44.47 -2.05
N GLY A 68 2.25 -44.54 -2.12
CA GLY A 68 1.38 -44.14 -1.03
C GLY A 68 1.06 -45.35 -0.19
N ILE A 69 1.00 -45.16 1.12
CA ILE A 69 0.60 -46.19 2.08
C ILE A 69 -0.67 -45.67 2.76
N GLU A 70 -1.73 -46.48 2.76
CA GLU A 70 -3.05 -46.04 3.20
C GLU A 70 -3.76 -47.14 4.02
N ILE A 71 -4.21 -46.82 5.23
CA ILE A 71 -4.83 -47.81 6.11
C ILE A 71 -6.20 -48.30 5.62
N ARG A 72 -6.90 -47.44 4.89
CA ARG A 72 -8.25 -47.78 4.36
C ARG A 72 -8.13 -48.57 3.06
N GLU A 73 -8.43 -49.86 3.13
CA GLU A 73 -8.36 -50.73 1.97
C GLU A 73 -9.21 -50.23 0.79
N GLU A 74 -10.42 -49.75 1.07
CA GLU A 74 -11.29 -49.28 -0.02
C GLU A 74 -10.70 -47.99 -0.63
N ALA A 75 -10.14 -47.10 0.19
CA ALA A 75 -9.49 -45.88 -0.33
C ALA A 75 -8.25 -46.23 -1.17
N ALA A 76 -7.51 -47.25 -0.72
CA ALA A 76 -6.31 -47.67 -1.45
C ALA A 76 -6.70 -48.24 -2.83
N GLN A 77 -7.74 -49.09 -2.85
CA GLN A 77 -8.27 -49.60 -4.11
C GLN A 77 -8.77 -48.48 -5.03
N GLN A 78 -9.49 -47.52 -4.45
CA GLN A 78 -9.96 -46.38 -5.25
C GLN A 78 -8.76 -45.62 -5.85
N HIS A 79 -7.72 -45.33 -5.05
CA HIS A 79 -6.49 -44.74 -5.60
C HIS A 79 -5.87 -45.54 -6.75
N ARG A 80 -5.78 -46.87 -6.59
CA ARG A 80 -5.26 -47.71 -7.68
C ARG A 80 -6.16 -47.66 -8.96
N SER A 81 -7.48 -47.60 -8.81
CA SER A 81 -8.37 -47.49 -9.98
C SER A 81 -8.15 -46.16 -10.70
N GLU A 82 -7.65 -45.17 -9.97
CA GLU A 82 -7.31 -43.86 -10.50
C GLU A 82 -5.85 -43.76 -11.02
N GLY A 83 -5.10 -44.86 -11.00
CA GLY A 83 -3.75 -44.88 -11.58
C GLY A 83 -2.62 -44.60 -10.58
N ARG A 84 -2.95 -44.36 -9.31
CA ARG A 84 -1.95 -44.04 -8.29
C ARG A 84 -1.34 -45.33 -7.67
N ASN A 85 -0.04 -45.32 -7.39
CA ASN A 85 0.60 -46.47 -6.72
C ASN A 85 0.36 -46.33 -5.24
N VAL A 86 -0.67 -47.01 -4.76
CA VAL A 86 -1.03 -46.95 -3.35
C VAL A 86 -1.29 -48.36 -2.84
N ILE A 87 -0.68 -48.72 -1.74
CA ILE A 87 -0.90 -50.02 -1.16
C ILE A 87 -1.51 -49.86 0.22
N SER A 88 -2.28 -50.85 0.67
CA SER A 88 -2.87 -50.70 1.98
C SER A 88 -1.90 -51.15 3.08
N GLY A 89 -2.01 -50.53 4.25
CA GLY A 89 -1.19 -50.92 5.37
C GLY A 89 -1.27 -49.90 6.46
N ASP A 90 -0.87 -50.28 7.67
CA ASP A 90 -0.90 -49.37 8.83
C ASP A 90 0.54 -48.98 9.14
N ALA A 91 0.92 -47.76 8.75
CA ALA A 91 2.29 -47.29 8.96
C ALA A 91 2.69 -47.12 10.46
N THR A 92 1.75 -47.26 11.39
CA THR A 92 2.09 -47.25 12.83
C THR A 92 2.44 -48.63 13.39
N ASP A 93 2.26 -49.67 12.57
CA ASP A 93 2.40 -51.06 13.02
C ASP A 93 3.78 -51.58 12.64
N PRO A 94 4.62 -51.99 13.65
CA PRO A 94 5.92 -52.60 13.40
C PRO A 94 5.88 -53.78 12.44
N ASP A 95 4.78 -54.53 12.44
CA ASP A 95 4.60 -55.68 11.55
C ASP A 95 4.45 -55.25 10.08
N PHE A 96 3.86 -54.09 9.84
CA PHE A 96 3.84 -53.52 8.49
C PHE A 96 5.25 -53.25 8.03
N TRP A 97 6.04 -52.57 8.86
CA TRP A 97 7.40 -52.20 8.51
C TRP A 97 8.33 -53.42 8.31
N GLU A 98 8.00 -54.51 8.95
CA GLU A 98 8.79 -55.71 8.83
C GLU A 98 8.63 -56.33 7.45
N ARG A 99 7.54 -56.00 6.78
CA ARG A 99 7.27 -56.51 5.44
C ARG A 99 8.09 -55.81 4.37
N ILE A 100 8.66 -54.64 4.69
CA ILE A 100 9.25 -53.77 3.66
C ILE A 100 10.73 -54.06 3.38
N LEU A 101 11.02 -54.30 2.12
CA LEU A 101 12.36 -54.59 1.67
C LEU A 101 13.35 -53.47 1.88
N ASP A 102 14.46 -53.77 2.52
CA ASP A 102 15.52 -52.81 2.75
C ASP A 102 16.16 -52.28 1.50
N THR A 103 16.00 -52.99 0.41
CA THR A 103 16.48 -52.53 -0.87
C THR A 103 15.47 -51.53 -1.36
N GLY A 104 15.94 -50.39 -1.86
CA GLY A 104 15.06 -49.28 -2.15
C GLY A 104 15.76 -47.94 -2.38
N HIS A 105 15.24 -47.25 -3.34
CA HIS A 105 15.69 -45.96 -3.61
C HIS A 105 14.96 -44.86 -2.81
N VAL A 106 14.36 -45.14 -1.65
CA VAL A 106 13.50 -44.09 -0.99
C VAL A 106 14.36 -43.00 -0.39
N LYS A 107 14.22 -41.76 -0.87
CA LYS A 107 15.05 -40.60 -0.48
C LYS A 107 14.27 -39.61 0.36
N LEU A 108 12.95 -39.75 0.30
CA LEU A 108 12.03 -38.85 0.98
C LEU A 108 10.79 -39.57 1.49
N VAL A 109 10.49 -39.37 2.77
CA VAL A 109 9.24 -39.86 3.33
C VAL A 109 8.39 -38.64 3.73
N LEU A 110 7.12 -38.63 3.29
CA LEU A 110 6.15 -37.59 3.72
C LEU A 110 5.20 -38.16 4.77
N LEU A 111 5.16 -37.57 5.93
CA LEU A 111 4.28 -38.00 6.98
C LEU A 111 2.94 -37.25 6.87
N ALA A 112 1.93 -37.92 6.36
CA ALA A 112 0.65 -37.32 6.03
C ALA A 112 -0.53 -38.10 6.58
N MSE A 113 -0.33 -38.70 7.75
CA MSE A 113 -1.37 -39.47 8.41
C MSE A 113 -2.46 -38.53 8.89
O MSE A 113 -2.25 -37.31 8.96
CB MSE A 113 -0.79 -40.25 9.58
CG MSE A 113 0.50 -40.99 9.28
SE MSE A 113 0.20 -42.80 8.62
CE MSE A 113 1.07 -43.79 10.04
N PRO A 114 -3.62 -39.08 9.21
CA PRO A 114 -4.73 -38.24 9.63
C PRO A 114 -4.74 -37.97 11.12
N HIS A 115 -3.98 -38.68 11.89
CA HIS A 115 -3.90 -38.50 13.31
C HIS A 115 -2.48 -38.11 13.64
N HIS A 116 -2.31 -37.01 14.39
CA HIS A 116 -0.96 -36.50 14.62
C HIS A 116 -0.02 -37.54 15.25
N GLN A 117 -0.51 -38.25 16.27
CA GLN A 117 0.32 -39.28 16.93
C GLN A 117 0.72 -40.40 15.97
N GLY A 118 -0.11 -40.62 14.96
CA GLY A 118 0.25 -41.57 13.89
C GLY A 118 1.52 -41.20 13.15
N ASN A 119 1.66 -39.91 12.83
CA ASN A 119 2.88 -39.41 12.20
C ASN A 119 4.10 -39.62 13.09
N GLN A 120 3.90 -39.37 14.39
CA GLN A 120 4.96 -39.57 15.39
C GLN A 120 5.37 -41.03 15.49
N THR A 121 4.38 -41.94 15.54
CA THR A 121 4.66 -43.39 15.59
C THR A 121 5.31 -43.91 14.29
N ALA A 122 4.84 -43.43 13.14
CA ALA A 122 5.46 -43.76 11.86
C ALA A 122 6.91 -43.35 11.82
N LEU A 123 7.22 -42.13 12.29
CA LEU A 123 8.60 -41.66 12.36
C LEU A 123 9.48 -42.58 13.20
N GLU A 124 8.99 -42.99 14.37
CA GLU A 124 9.71 -43.96 15.22
C GLU A 124 10.00 -45.28 14.50
N GLN A 125 9.03 -45.75 13.70
CA GLN A 125 9.22 -47.03 13.01
C GLN A 125 10.33 -46.89 11.98
N LEU A 126 10.33 -45.77 11.28
N LEU A 126 10.32 -45.79 11.24
CA LEU A 126 11.32 -45.47 10.26
CA LEU A 126 11.35 -45.54 10.25
C LEU A 126 12.71 -45.32 10.85
C LEU A 126 12.71 -45.44 10.92
N GLN A 127 12.78 -44.76 12.05
CA GLN A 127 14.04 -44.58 12.78
C GLN A 127 14.61 -45.88 13.30
N ARG A 128 13.76 -46.80 13.72
CA ARG A 128 14.32 -48.03 14.20
C ARG A 128 14.68 -49.05 13.12
N ARG A 129 14.30 -48.76 11.87
CA ARG A 129 14.83 -49.48 10.70
C ARG A 129 16.01 -48.74 10.08
N ASN A 130 16.52 -47.71 10.75
CA ASN A 130 17.69 -46.94 10.31
C ASN A 130 17.65 -46.27 8.92
N TYR A 131 16.46 -45.76 8.54
CA TYR A 131 16.20 -45.02 7.29
C TYR A 131 17.12 -43.85 7.19
N LYS A 132 17.74 -43.69 6.05
CA LYS A 132 18.67 -42.60 5.92
C LYS A 132 18.20 -41.41 5.14
N GLY A 133 17.11 -41.48 4.41
CA GLY A 133 16.89 -40.26 3.70
C GLY A 133 16.24 -39.20 4.55
N GLN A 134 15.51 -38.33 3.88
CA GLN A 134 14.90 -37.18 4.50
C GLN A 134 13.45 -37.47 4.84
N ILE A 135 12.92 -36.74 5.78
CA ILE A 135 11.55 -36.90 6.18
C ILE A 135 10.94 -35.52 6.35
N ALA A 136 9.74 -35.35 5.82
CA ALA A 136 8.95 -34.17 6.04
C ALA A 136 7.58 -34.49 6.58
N ALA A 137 7.05 -33.58 7.34
CA ALA A 137 5.81 -33.77 8.10
C ALA A 137 4.92 -32.54 8.02
N ILE A 138 3.63 -32.74 8.28
CA ILE A 138 2.68 -31.67 8.24
C ILE A 138 1.79 -31.85 9.43
N ALA A 139 1.44 -30.76 10.08
CA ALA A 139 0.61 -30.82 11.25
C ALA A 139 -0.22 -29.54 11.45
N GLU A 140 -1.00 -29.52 12.52
CA GLU A 140 -1.94 -28.46 12.78
C GLU A 140 -1.44 -27.22 13.51
N TYR A 141 -0.52 -27.45 14.44
CA TYR A 141 -0.13 -26.49 15.43
C TYR A 141 1.38 -26.40 15.59
N PRO A 142 1.86 -25.22 15.93
CA PRO A 142 3.31 -25.05 16.10
C PRO A 142 3.92 -26.07 17.08
N ASP A 143 3.25 -26.40 18.19
CA ASP A 143 3.87 -27.37 19.11
C ASP A 143 4.07 -28.75 18.48
N GLN A 144 3.10 -29.16 17.68
CA GLN A 144 3.21 -30.41 16.94
C GLN A 144 4.39 -30.36 15.95
N LEU A 145 4.54 -29.23 15.27
CA LEU A 145 5.59 -29.12 14.26
C LEU A 145 6.97 -29.11 14.90
N GLU A 146 7.11 -28.31 15.96
CA GLU A 146 8.34 -28.28 16.75
C GLU A 146 8.67 -29.66 17.31
N GLY A 147 7.66 -30.35 17.83
CA GLY A 147 7.88 -31.70 18.32
C GLY A 147 8.37 -32.69 17.27
N LEU A 148 7.83 -32.59 16.06
CA LEU A 148 8.32 -33.41 14.95
C LEU A 148 9.75 -33.11 14.59
N LEU A 149 10.10 -31.81 14.53
CA LEU A 149 11.52 -31.42 14.36
C LEU A 149 12.41 -31.98 15.46
N GLU A 150 11.96 -31.83 16.70
CA GLU A 150 12.74 -32.36 17.81
C GLU A 150 12.92 -33.90 17.66
N SER A 151 11.91 -34.58 17.12
CA SER A 151 11.95 -36.05 17.04
C SER A 151 12.77 -36.51 15.86
N GLY A 152 13.16 -35.60 14.99
CA GLY A 152 14.05 -35.95 13.89
C GLY A 152 13.59 -35.74 12.47
N VAL A 153 12.46 -35.06 12.21
CA VAL A 153 12.09 -34.82 10.79
C VAL A 153 12.96 -33.66 10.27
N ASP A 154 13.18 -33.61 8.96
CA ASP A 154 13.99 -32.55 8.35
C ASP A 154 13.25 -31.22 8.07
N ALA A 155 11.95 -31.31 7.79
CA ALA A 155 11.14 -30.15 7.50
C ALA A 155 9.74 -30.37 8.02
N ALA A 156 9.09 -29.33 8.57
CA ALA A 156 7.76 -29.49 9.12
C ALA A 156 6.90 -28.28 8.73
N PHE A 157 5.69 -28.53 8.20
CA PHE A 157 4.89 -27.45 7.64
C PHE A 157 3.53 -27.50 8.24
N ASN A 158 2.86 -26.38 8.28
CA ASN A 158 1.55 -26.33 8.92
C ASN A 158 0.44 -26.57 7.88
N ILE A 159 -0.49 -27.49 8.17
CA ILE A 159 -1.55 -27.85 7.20
C ILE A 159 -2.28 -26.59 6.68
N TYR A 160 -2.67 -25.70 7.61
CA TYR A 160 -3.52 -24.54 7.25
C TYR A 160 -2.73 -23.41 6.57
N SER A 161 -1.47 -23.20 6.97
CA SER A 161 -0.60 -22.25 6.26
C SER A 161 -0.40 -22.66 4.83
N GLU A 162 -0.07 -23.93 4.63
CA GLU A 162 0.11 -24.51 3.29
C GLU A 162 -1.17 -24.41 2.47
N ALA A 163 -2.30 -24.74 3.08
CA ALA A 163 -3.60 -24.55 2.41
C ALA A 163 -3.80 -23.11 1.88
N GLY A 164 -3.55 -22.11 2.70
CA GLY A 164 -3.72 -20.71 2.32
C GLY A 164 -2.77 -20.31 1.21
N SER A 165 -1.53 -20.78 1.31
CA SER A 165 -0.53 -20.54 0.25
C SER A 165 -0.98 -21.10 -1.12
N GLY A 166 -1.38 -22.38 -1.14
CA GLY A 166 -1.81 -23.05 -2.37
C GLY A 166 -3.11 -22.44 -2.85
N PHE A 167 -4.02 -22.12 -1.92
CA PHE A 167 -5.29 -21.39 -2.23
C PHE A 167 -5.02 -20.13 -3.08
N ALA A 168 -4.16 -19.25 -2.57
CA ALA A 168 -3.85 -18.02 -3.25
C ALA A 168 -3.19 -18.28 -4.60
N ARG A 169 -2.19 -19.15 -4.60
CA ARG A 169 -1.53 -19.60 -5.84
C ARG A 169 -2.51 -20.10 -6.93
N HIS A 170 -3.38 -21.01 -6.59
CA HIS A 170 -4.33 -21.52 -7.53
C HIS A 170 -5.42 -20.56 -7.97
N VAL A 171 -5.85 -19.69 -7.07
CA VAL A 171 -6.81 -18.65 -7.42
C VAL A 171 -6.17 -17.75 -8.48
N CYS A 172 -4.93 -17.34 -8.28
CA CYS A 172 -4.33 -16.45 -9.24
C CYS A 172 -4.20 -17.15 -10.58
N LYS A 173 -3.81 -18.42 -10.54
CA LYS A 173 -3.61 -19.15 -11.79
C LYS A 173 -4.93 -19.39 -12.52
N GLN A 174 -5.97 -19.79 -11.80
CA GLN A 174 -7.28 -20.01 -12.41
C GLN A 174 -7.83 -18.68 -12.90
N LEU A 175 -7.99 -17.75 -11.97
CA LEU A 175 -8.77 -16.53 -12.20
C LEU A 175 -8.02 -15.40 -12.95
N GLU A 176 -6.70 -15.44 -12.93
CA GLU A 176 -5.85 -14.40 -13.55
C GLU A 176 -6.41 -12.99 -13.25
N PRO A 177 -6.49 -12.62 -11.97
CA PRO A 177 -6.96 -11.27 -11.66
C PRO A 177 -5.96 -10.23 -12.16
N GLN A 178 -6.48 -9.06 -12.56
CA GLN A 178 -5.64 -8.01 -13.08
C GLN A 178 -5.36 -6.95 -12.02
N PHE A 179 -4.26 -7.09 -11.29
CA PHE A 179 -3.93 -6.17 -10.22
C PHE A 179 -2.90 -5.13 -10.62
N THR A 180 -2.87 -4.01 -9.90
CA THR A 180 -1.74 -3.10 -9.98
C THR A 180 -0.77 -3.48 -8.87
N SER A 181 0.36 -4.08 -9.24
CA SER A 181 1.37 -4.57 -8.26
C SER A 181 2.11 -3.42 -7.59
N ILE A 182 2.26 -3.52 -6.27
CA ILE A 182 2.87 -2.45 -5.47
C ILE A 182 4.06 -3.01 -4.66
N LEU B 34 -24.17 33.93 -15.65
CA LEU B 34 -24.23 34.43 -14.25
C LEU B 34 -23.51 33.43 -13.33
N ILE B 35 -22.49 33.92 -12.64
CA ILE B 35 -21.56 33.04 -11.95
C ILE B 35 -21.93 32.90 -10.48
N ASN B 36 -22.18 31.67 -10.07
CA ASN B 36 -22.52 31.36 -8.68
C ASN B 36 -21.28 30.90 -7.92
N PRO B 37 -20.72 31.77 -7.04
CA PRO B 37 -19.55 31.38 -6.26
C PRO B 37 -19.92 30.51 -5.07
N GLY B 38 -21.22 30.27 -4.87
CA GLY B 38 -21.65 29.39 -3.78
C GLY B 38 -21.21 29.93 -2.44
N HIS B 39 -20.76 29.02 -1.57
CA HIS B 39 -20.34 29.41 -0.22
C HIS B 39 -18.84 29.61 -0.06
N ALA B 40 -18.13 29.71 -1.18
CA ALA B 40 -16.70 30.01 -1.15
C ALA B 40 -16.40 31.24 -0.28
N GLN B 41 -15.42 31.11 0.63
CA GLN B 41 -15.05 32.26 1.49
C GLN B 41 -13.78 32.91 1.05
N VAL B 42 -13.08 32.27 0.13
CA VAL B 42 -11.84 32.84 -0.39
C VAL B 42 -11.97 32.79 -1.92
N LEU B 43 -11.65 33.90 -2.59
CA LEU B 43 -11.49 33.89 -4.03
C LEU B 43 -10.02 34.00 -4.33
N ILE B 44 -9.50 33.10 -5.16
CA ILE B 44 -8.11 33.21 -5.53
C ILE B 44 -8.04 33.63 -6.99
N LEU B 45 -7.46 34.79 -7.23
CA LEU B 45 -7.47 35.36 -8.55
C LEU B 45 -6.13 35.04 -9.18
N GLY B 46 -5.99 34.52 -10.45
CA GLY B 46 -4.72 34.16 -11.13
C GLY B 46 -4.18 32.74 -10.74
N MSE B 47 -4.13 31.76 -11.63
CA MSE B 47 -3.96 30.37 -11.22
C MSE B 47 -2.76 29.62 -11.77
O MSE B 47 -2.78 28.45 -12.08
CB MSE B 47 -5.23 29.53 -11.27
CG MSE B 47 -6.22 29.87 -10.24
SE MSE B 47 -5.93 29.42 -8.46
CE MSE B 47 -5.97 27.48 -8.58
N GLY B 48 -1.70 30.35 -11.84
CA GLY B 48 -0.47 29.72 -12.04
C GLY B 48 -0.10 28.96 -10.79
N ARG B 49 1.07 28.57 -10.87
CA ARG B 49 1.70 27.80 -9.80
C ARG B 49 1.53 28.52 -8.47
N ILE B 50 1.59 29.86 -8.50
CA ILE B 50 1.39 30.66 -7.25
C ILE B 50 -0.03 30.45 -6.67
N GLY B 51 -1.04 30.72 -7.47
CA GLY B 51 -2.42 30.59 -7.00
C GLY B 51 -2.73 29.16 -6.61
N THR B 52 -2.17 28.20 -7.36
CA THR B 52 -2.36 26.77 -7.04
C THR B 52 -1.74 26.40 -5.70
N GLY B 53 -0.52 26.89 -5.47
CA GLY B 53 0.14 26.68 -4.19
C GLY B 53 -0.66 27.27 -3.06
N ALA B 54 -1.19 28.47 -3.26
CA ALA B 54 -2.11 29.12 -2.30
C ALA B 54 -3.39 28.30 -2.08
N TYR B 55 -3.97 27.81 -3.20
CA TYR B 55 -5.21 27.05 -3.17
C TYR B 55 -4.99 25.83 -2.28
N ASP B 56 -3.91 25.11 -2.58
CA ASP B 56 -3.61 23.86 -1.88
C ASP B 56 -3.33 24.06 -0.40
N GLU B 57 -2.61 25.11 -0.08
CA GLU B 57 -2.32 25.46 1.34
C GLU B 57 -3.60 25.80 2.14
N LEU B 58 -4.51 26.52 1.49
CA LEU B 58 -5.78 26.91 2.13
C LEU B 58 -6.62 25.68 2.41
N ARG B 59 -6.64 24.76 1.43
CA ARG B 59 -7.34 23.51 1.58
C ARG B 59 -6.79 22.67 2.72
N ALA B 60 -5.46 22.59 2.84
CA ALA B 60 -4.83 21.86 3.95
C ALA B 60 -5.22 22.41 5.32
N ARG B 61 -5.33 23.74 5.45
CA ARG B 61 -5.68 24.37 6.75
C ARG B 61 -7.17 24.37 7.07
N TYR B 62 -7.98 24.56 6.03
CA TYR B 62 -9.39 24.90 6.23
C TYR B 62 -10.37 23.95 5.54
N GLY B 63 -9.85 23.04 4.70
CA GLY B 63 -10.71 22.24 3.83
C GLY B 63 -11.25 23.08 2.67
N LYS B 64 -12.40 22.73 2.14
CA LYS B 64 -12.79 23.31 0.86
C LYS B 64 -13.51 24.62 1.07
N ILE B 65 -12.79 25.74 1.05
CA ILE B 65 -13.48 27.03 1.22
C ILE B 65 -13.15 28.04 0.13
N SER B 66 -12.40 27.61 -0.90
CA SER B 66 -11.86 28.54 -1.90
C SER B 66 -12.45 28.28 -3.26
N LEU B 67 -12.54 29.35 -4.03
CA LEU B 67 -12.84 29.27 -5.46
C LEU B 67 -11.71 29.99 -6.22
N GLY B 68 -11.11 29.28 -7.14
CA GLY B 68 -10.05 29.85 -7.95
C GLY B 68 -10.63 30.38 -9.26
N ILE B 69 -10.06 31.47 -9.77
CA ILE B 69 -10.49 32.07 -11.01
C ILE B 69 -9.27 32.10 -11.93
N GLU B 70 -9.40 31.47 -13.10
CA GLU B 70 -8.29 31.26 -14.02
C GLU B 70 -8.67 31.72 -15.45
N ILE B 71 -7.79 32.50 -16.07
CA ILE B 71 -8.07 33.06 -17.38
C ILE B 71 -8.22 31.95 -18.43
N ARG B 72 -7.32 31.00 -18.47
CA ARG B 72 -7.36 29.96 -19.50
C ARG B 72 -8.37 28.85 -19.22
N GLU B 73 -9.32 28.63 -20.10
CA GLU B 73 -10.37 27.61 -19.85
C GLU B 73 -9.80 26.21 -19.67
N GLU B 74 -8.80 25.88 -20.50
CA GLU B 74 -8.12 24.58 -20.44
C GLU B 74 -7.53 24.31 -19.06
N ALA B 75 -6.79 25.30 -18.57
CA ALA B 75 -6.20 25.23 -17.22
C ALA B 75 -7.26 25.06 -16.14
N ALA B 76 -8.38 25.76 -16.27
CA ALA B 76 -9.47 25.68 -15.28
C ALA B 76 -10.06 24.27 -15.27
N GLN B 77 -10.30 23.75 -16.48
CA GLN B 77 -10.77 22.39 -16.70
C GLN B 77 -9.80 21.37 -16.08
N GLN B 78 -8.52 21.55 -16.34
CA GLN B 78 -7.50 20.67 -15.76
C GLN B 78 -7.54 20.73 -14.24
N HIS B 79 -7.69 21.95 -13.70
CA HIS B 79 -7.77 22.10 -12.24
C HIS B 79 -8.95 21.31 -11.68
N ARG B 80 -10.08 21.39 -12.37
CA ARG B 80 -11.30 20.71 -11.97
C ARG B 80 -11.14 19.19 -11.98
N SER B 81 -10.45 18.69 -12.97
CA SER B 81 -10.16 17.25 -13.09
C SER B 81 -9.16 16.82 -12.03
N GLU B 82 -8.36 17.77 -11.58
CA GLU B 82 -7.40 17.55 -10.49
C GLU B 82 -8.07 17.74 -9.13
N GLY B 83 -9.38 17.98 -9.12
CA GLY B 83 -10.13 18.04 -7.86
C GLY B 83 -10.17 19.43 -7.21
N ARG B 84 -9.86 20.47 -7.97
CA ARG B 84 -9.95 21.84 -7.44
C ARG B 84 -11.18 22.60 -7.94
N ASN B 85 -11.73 23.47 -7.08
CA ASN B 85 -12.88 24.33 -7.40
C ASN B 85 -12.37 25.60 -8.09
N VAL B 86 -12.31 25.53 -9.41
CA VAL B 86 -11.75 26.58 -10.27
C VAL B 86 -12.71 26.81 -11.43
N ILE B 87 -12.97 28.08 -11.74
CA ILE B 87 -13.74 28.40 -12.93
C ILE B 87 -12.93 29.34 -13.79
N SER B 88 -13.28 29.44 -15.06
CA SER B 88 -12.58 30.37 -15.92
C SER B 88 -13.22 31.74 -15.86
N GLY B 89 -12.42 32.76 -16.07
CA GLY B 89 -12.91 34.10 -16.15
C GLY B 89 -11.71 35.01 -16.09
N ASP B 90 -11.94 36.26 -16.46
CA ASP B 90 -10.90 37.27 -16.45
C ASP B 90 -11.17 38.27 -15.30
N ALA B 91 -10.42 38.13 -14.22
CA ALA B 91 -10.60 38.95 -13.02
C ALA B 91 -10.33 40.46 -13.22
N THR B 92 -9.69 40.79 -14.34
CA THR B 92 -9.43 42.21 -14.68
C THR B 92 -10.59 42.85 -15.45
N ASP B 93 -11.56 42.04 -15.86
CA ASP B 93 -12.64 42.45 -16.77
C ASP B 93 -13.90 42.81 -15.97
N PRO B 94 -14.37 44.08 -16.09
CA PRO B 94 -15.64 44.47 -15.47
C PRO B 94 -16.76 43.49 -15.80
N ASP B 95 -16.76 42.96 -17.03
CA ASP B 95 -17.78 41.97 -17.46
C ASP B 95 -17.79 40.69 -16.62
N PHE B 96 -16.63 40.28 -16.11
CA PHE B 96 -16.57 39.14 -15.23
C PHE B 96 -17.30 39.43 -13.92
N TRP B 97 -16.91 40.52 -13.25
CA TRP B 97 -17.48 40.87 -11.96
C TRP B 97 -18.98 41.19 -11.98
N GLU B 98 -19.46 41.76 -13.07
CA GLU B 98 -20.90 42.05 -13.25
C GLU B 98 -21.77 40.77 -13.34
N ARG B 99 -21.14 39.64 -13.63
CA ARG B 99 -21.85 38.36 -13.72
C ARG B 99 -21.80 37.56 -12.41
N ILE B 100 -21.01 38.05 -11.46
CA ILE B 100 -20.84 37.39 -10.18
C ILE B 100 -22.00 37.62 -9.21
N LEU B 101 -22.55 36.52 -8.69
CA LEU B 101 -23.53 36.53 -7.62
C LEU B 101 -22.92 37.05 -6.31
N ASP B 102 -23.74 37.78 -5.62
CA ASP B 102 -23.32 38.59 -4.54
C ASP B 102 -23.92 37.94 -3.31
N THR B 103 -23.44 36.75 -2.98
CA THR B 103 -24.07 35.99 -1.90
C THR B 103 -23.63 36.42 -0.50
N GLY B 104 -22.52 37.15 -0.45
CA GLY B 104 -22.00 37.74 0.77
C GLY B 104 -20.93 36.96 1.46
N HIS B 105 -20.52 35.85 0.86
CA HIS B 105 -19.74 34.87 1.56
C HIS B 105 -18.23 35.04 1.59
N VAL B 106 -17.72 35.76 0.62
CA VAL B 106 -16.30 35.89 0.40
C VAL B 106 -15.72 36.76 1.47
N LYS B 107 -14.75 36.24 2.19
CA LYS B 107 -14.17 37.05 3.29
C LYS B 107 -12.75 37.47 2.96
N LEU B 108 -12.15 36.78 2.00
CA LEU B 108 -10.76 37.09 1.62
C LEU B 108 -10.60 36.90 0.13
N VAL B 109 -9.87 37.82 -0.50
CA VAL B 109 -9.50 37.70 -1.91
C VAL B 109 -7.99 37.70 -2.00
N LEU B 110 -7.42 36.71 -2.71
CA LEU B 110 -5.99 36.70 -2.97
C LEU B 110 -5.74 37.09 -4.41
N LEU B 111 -4.81 38.03 -4.59
CA LEU B 111 -4.42 38.49 -5.87
C LEU B 111 -3.12 37.80 -6.23
N ALA B 112 -3.22 36.78 -7.12
CA ALA B 112 -2.07 35.96 -7.53
C ALA B 112 -1.70 36.09 -9.01
N MSE B 113 -1.73 37.34 -9.50
CA MSE B 113 -1.40 37.68 -10.89
C MSE B 113 -0.33 38.75 -10.88
O MSE B 113 -0.60 39.92 -11.18
CB MSE B 113 -2.63 38.19 -11.64
CG MSE B 113 -3.81 37.22 -11.66
SE MSE B 113 -5.57 38.04 -11.95
CE MSE B 113 -5.12 39.05 -13.47
N PRO B 114 0.90 38.37 -10.49
CA PRO B 114 2.01 39.35 -10.31
C PRO B 114 2.59 39.89 -11.62
N HIS B 115 2.15 39.38 -12.77
CA HIS B 115 2.66 39.92 -14.06
C HIS B 115 1.64 40.80 -14.79
N HIS B 116 2.12 41.75 -15.57
CA HIS B 116 1.28 42.54 -16.51
C HIS B 116 0.12 43.29 -15.82
N GLN B 117 0.39 43.90 -14.67
CA GLN B 117 -0.62 44.73 -13.96
C GLN B 117 -1.87 43.97 -13.54
N GLY B 118 -1.82 42.64 -13.56
CA GLY B 118 -2.98 41.81 -13.20
C GLY B 118 -3.52 42.13 -11.80
N ASN B 119 -2.66 42.08 -10.78
CA ASN B 119 -3.12 42.40 -9.41
C ASN B 119 -3.80 43.76 -9.29
N GLN B 120 -3.17 44.79 -9.82
CA GLN B 120 -3.66 46.15 -9.72
C GLN B 120 -4.97 46.33 -10.45
N THR B 121 -5.07 45.72 -11.59
CA THR B 121 -6.26 45.88 -12.43
C THR B 121 -7.45 45.11 -11.83
N ALA B 122 -7.24 43.88 -11.37
CA ALA B 122 -8.32 43.18 -10.65
C ALA B 122 -8.74 43.96 -9.39
N LEU B 123 -7.77 44.47 -8.66
CA LEU B 123 -8.08 45.23 -7.44
C LEU B 123 -8.99 46.42 -7.77
N GLU B 124 -8.64 47.16 -8.81
CA GLU B 124 -9.46 48.27 -9.28
C GLU B 124 -10.91 47.81 -9.52
N GLN B 125 -11.07 46.67 -10.18
CA GLN B 125 -12.43 46.17 -10.48
C GLN B 125 -13.18 45.83 -9.22
N LEU B 126 -12.48 45.13 -8.32
CA LEU B 126 -13.02 44.73 -7.04
C LEU B 126 -13.56 45.88 -6.20
N GLN B 127 -12.80 46.98 -6.19
CA GLN B 127 -13.15 48.14 -5.38
C GLN B 127 -14.28 48.97 -5.97
N ARG B 128 -14.50 48.86 -7.28
CA ARG B 128 -15.67 49.51 -7.91
C ARG B 128 -16.96 48.78 -7.55
N ARG B 129 -16.85 47.59 -7.02
CA ARG B 129 -18.00 46.83 -6.64
C ARG B 129 -18.30 46.81 -5.16
N ASN B 130 -17.61 47.65 -4.43
CA ASN B 130 -17.74 47.74 -2.97
C ASN B 130 -17.57 46.43 -2.20
N TYR B 131 -16.60 45.62 -2.62
CA TYR B 131 -16.25 44.45 -1.85
C TYR B 131 -15.87 44.92 -0.43
N LYS B 132 -16.37 44.26 0.61
CA LYS B 132 -16.07 44.73 2.00
C LYS B 132 -15.00 43.94 2.77
N GLY B 133 -14.63 42.77 2.29
CA GLY B 133 -13.72 41.92 3.02
C GLY B 133 -12.23 42.20 2.83
N GLN B 134 -11.41 41.22 3.13
CA GLN B 134 -9.99 41.43 3.15
C GLN B 134 -9.38 41.07 1.81
N ILE B 135 -8.24 41.66 1.52
CA ILE B 135 -7.58 41.50 0.24
C ILE B 135 -6.10 41.41 0.52
N ALA B 136 -5.44 40.41 -0.07
CA ALA B 136 -3.97 40.28 0.01
C ALA B 136 -3.40 40.06 -1.39
N ALA B 137 -2.19 40.54 -1.61
CA ALA B 137 -1.55 40.43 -2.93
C ALA B 137 -0.11 39.94 -2.82
N ILE B 138 0.35 39.32 -3.88
CA ILE B 138 1.76 38.89 -4.00
C ILE B 138 2.35 39.52 -5.24
N ALA B 139 3.52 40.13 -5.11
CA ALA B 139 4.12 40.94 -6.16
C ALA B 139 5.52 40.46 -6.46
N GLU B 140 5.97 40.70 -7.68
CA GLU B 140 7.29 40.27 -8.11
C GLU B 140 8.37 41.21 -7.51
N TYR B 141 8.06 42.50 -7.39
CA TYR B 141 9.11 43.46 -7.03
C TYR B 141 8.80 44.28 -5.79
N PRO B 142 9.82 44.48 -4.93
CA PRO B 142 9.61 45.26 -3.72
C PRO B 142 9.01 46.63 -4.01
N ASP B 143 9.24 47.18 -5.20
CA ASP B 143 8.74 48.51 -5.48
C ASP B 143 7.23 48.58 -5.79
N GLN B 144 6.60 47.42 -5.94
CA GLN B 144 5.16 47.35 -6.20
C GLN B 144 4.30 47.24 -4.91
N LEU B 145 4.95 47.04 -3.76
CA LEU B 145 4.21 46.75 -2.53
C LEU B 145 3.54 48.00 -1.99
N GLU B 146 4.24 49.12 -2.10
CA GLU B 146 3.67 50.39 -1.70
C GLU B 146 2.38 50.77 -2.42
N GLY B 147 2.37 50.66 -3.76
CA GLY B 147 1.16 50.97 -4.56
C GLY B 147 0.02 50.06 -4.17
N LEU B 148 0.32 48.79 -3.89
CA LEU B 148 -0.75 47.87 -3.48
C LEU B 148 -1.35 48.31 -2.14
N LEU B 149 -0.48 48.58 -1.16
CA LEU B 149 -0.93 49.11 0.14
C LEU B 149 -1.67 50.44 0.00
N GLU B 150 -1.21 51.32 -0.89
CA GLU B 150 -1.88 52.60 -1.10
C GLU B 150 -3.24 52.48 -1.73
N SER B 151 -3.51 51.33 -2.34
CA SER B 151 -4.85 51.03 -2.85
C SER B 151 -5.71 50.30 -1.83
N GLY B 152 -5.23 50.18 -0.59
CA GLY B 152 -6.04 49.60 0.47
C GLY B 152 -5.91 48.12 0.76
N VAL B 153 -5.01 47.43 0.08
CA VAL B 153 -4.88 45.99 0.36
C VAL B 153 -4.42 45.80 1.82
N ASP B 154 -4.89 44.71 2.43
CA ASP B 154 -4.63 44.45 3.83
C ASP B 154 -3.24 43.91 4.10
N ALA B 155 -2.64 43.25 3.09
CA ALA B 155 -1.28 42.73 3.19
C ALA B 155 -0.74 42.48 1.79
N ALA B 156 0.52 42.81 1.60
CA ALA B 156 1.17 42.63 0.31
C ALA B 156 2.54 41.98 0.57
N PHE B 157 2.89 40.96 -0.22
CA PHE B 157 4.08 40.16 0.05
C PHE B 157 4.87 40.03 -1.24
N ASN B 158 6.16 39.68 -1.11
CA ASN B 158 7.07 39.45 -2.24
C ASN B 158 7.15 37.96 -2.65
N ILE B 159 7.10 37.66 -3.95
CA ILE B 159 7.14 36.25 -4.39
C ILE B 159 8.31 35.46 -3.79
N TYR B 160 9.51 36.04 -3.88
CA TYR B 160 10.77 35.32 -3.57
C TYR B 160 10.98 35.14 -2.07
N SER B 161 10.56 36.13 -1.28
CA SER B 161 10.60 36.03 0.19
C SER B 161 9.63 34.97 0.67
N GLU B 162 8.43 34.97 0.12
CA GLU B 162 7.44 33.92 0.42
C GLU B 162 7.91 32.54 -0.03
N ALA B 163 8.57 32.44 -1.16
CA ALA B 163 9.04 31.15 -1.60
C ALA B 163 9.97 30.53 -0.59
N GLY B 164 10.81 31.37 -0.03
CA GLY B 164 11.85 30.95 0.84
C GLY B 164 11.27 30.37 2.07
N SER B 165 10.20 30.97 2.52
CA SER B 165 9.57 30.68 3.76
C SER B 165 8.76 29.43 3.69
N GLY B 166 7.94 29.32 2.69
CA GLY B 166 7.16 28.09 2.46
C GLY B 166 8.06 26.88 2.23
N PHE B 167 9.20 27.10 1.56
CA PHE B 167 10.23 26.09 1.32
C PHE B 167 10.78 25.51 2.63
N ALA B 168 11.32 26.38 3.47
CA ALA B 168 11.87 25.96 4.79
C ALA B 168 10.79 25.24 5.61
N ARG B 169 9.55 25.66 5.53
CA ARG B 169 8.52 25.06 6.35
C ARG B 169 8.11 23.66 5.90
N HIS B 170 8.27 23.42 4.63
CA HIS B 170 7.76 22.33 3.89
C HIS B 170 8.78 21.27 4.11
N VAL B 171 10.02 21.69 4.00
CA VAL B 171 11.13 20.81 4.25
C VAL B 171 11.07 20.28 5.68
N CYS B 172 11.00 21.16 6.64
CA CYS B 172 10.94 20.71 8.00
C CYS B 172 9.76 19.79 8.20
N LYS B 173 8.59 20.19 7.76
CA LYS B 173 7.43 19.41 8.00
C LYS B 173 7.53 17.99 7.43
N GLN B 174 8.04 17.88 6.22
CA GLN B 174 8.14 16.62 5.53
C GLN B 174 9.28 15.71 6.00
N LEU B 175 10.50 16.23 6.06
CA LEU B 175 11.67 15.44 6.37
C LEU B 175 11.93 15.42 7.85
N GLU B 176 11.04 16.04 8.59
CA GLU B 176 11.30 16.36 9.97
C GLU B 176 12.69 15.97 10.43
N PRO B 177 13.59 16.90 10.25
CA PRO B 177 14.94 16.76 10.77
C PRO B 177 14.85 16.73 12.27
N LEU C 34 0.39 -0.58 0.65
CA LEU C 34 -0.27 0.46 1.48
C LEU C 34 0.18 1.88 1.05
N ILE C 35 0.63 2.03 -0.20
CA ILE C 35 1.01 3.35 -0.75
C ILE C 35 -0.14 4.33 -0.61
N ASN C 36 -1.32 3.83 -0.98
CA ASN C 36 -2.55 4.56 -0.78
C ASN C 36 -3.43 3.73 0.16
N PRO C 37 -3.50 4.14 1.44
CA PRO C 37 -4.34 3.41 2.36
C PRO C 37 -5.76 3.43 1.83
N GLY C 38 -6.51 2.36 2.07
CA GLY C 38 -7.92 2.34 1.68
C GLY C 38 -8.09 1.83 0.27
N HIS C 39 -6.97 1.58 -0.41
CA HIS C 39 -7.04 1.21 -1.81
C HIS C 39 -6.67 -0.24 -2.07
N ALA C 40 -6.74 -1.08 -1.04
CA ALA C 40 -6.49 -2.51 -1.26
C ALA C 40 -7.37 -3.12 -2.39
N GLN C 41 -6.73 -3.90 -3.25
CA GLN C 41 -7.43 -4.59 -4.32
C GLN C 41 -7.87 -5.99 -3.94
N VAL C 42 -7.27 -6.57 -2.89
CA VAL C 42 -7.68 -7.89 -2.37
C VAL C 42 -8.10 -7.79 -0.90
N LEU C 43 -9.25 -8.40 -0.59
CA LEU C 43 -9.74 -8.51 0.78
C LEU C 43 -9.63 -9.96 1.13
N ILE C 44 -8.97 -10.26 2.25
CA ILE C 44 -8.88 -11.62 2.71
C ILE C 44 -9.69 -11.66 3.99
N LEU C 45 -10.77 -12.41 3.94
CA LEU C 45 -11.70 -12.44 5.08
C LEU C 45 -11.41 -13.67 5.95
N GLY C 46 -10.87 -13.41 7.15
CA GLY C 46 -10.33 -14.42 8.09
C GLY C 46 -8.82 -14.41 7.95
N MSE C 47 -8.14 -14.14 9.06
CA MSE C 47 -6.69 -14.14 9.09
C MSE C 47 -6.17 -15.15 10.12
O MSE C 47 -5.22 -14.86 10.86
CB MSE C 47 -6.16 -12.74 9.32
CG MSE C 47 -6.31 -11.83 8.07
SE MSE C 47 -5.22 -12.37 6.54
CE MSE C 47 -3.42 -12.10 7.28
N GLY C 48 -6.81 -16.32 10.16
CA GLY C 48 -6.19 -17.48 10.82
C GLY C 48 -5.06 -18.00 9.97
N ARG C 49 -4.63 -19.23 10.21
CA ARG C 49 -3.46 -19.72 9.45
C ARG C 49 -3.70 -19.77 7.94
N ILE C 50 -4.94 -20.06 7.53
CA ILE C 50 -5.28 -20.07 6.13
C ILE C 50 -5.15 -18.73 5.48
N GLY C 51 -5.90 -17.73 6.01
CA GLY C 51 -5.88 -16.35 5.51
C GLY C 51 -4.48 -15.81 5.45
N THR C 52 -3.71 -16.08 6.51
CA THR C 52 -2.33 -15.62 6.62
C THR C 52 -1.46 -16.25 5.53
N GLY C 53 -1.62 -17.55 5.30
CA GLY C 53 -0.86 -18.24 4.22
C GLY C 53 -1.15 -17.59 2.89
N ALA C 54 -2.44 -17.31 2.64
CA ALA C 54 -2.85 -16.63 1.40
C ALA C 54 -2.31 -15.21 1.33
N TYR C 55 -2.38 -14.47 2.45
CA TYR C 55 -1.87 -13.13 2.49
C TYR C 55 -0.39 -13.12 2.09
N ASP C 56 0.40 -13.98 2.75
CA ASP C 56 1.87 -14.01 2.47
C ASP C 56 2.22 -14.35 1.02
N GLU C 57 1.45 -15.26 0.44
CA GLU C 57 1.66 -15.65 -0.97
C GLU C 57 1.36 -14.48 -1.96
N LEU C 58 0.25 -13.81 -1.73
CA LEU C 58 -0.12 -12.66 -2.54
C LEU C 58 0.90 -11.53 -2.40
N ARG C 59 1.41 -11.29 -1.21
CA ARG C 59 2.40 -10.27 -1.02
C ARG C 59 3.65 -10.59 -1.82
N ALA C 60 4.06 -11.84 -1.80
CA ALA C 60 5.25 -12.30 -2.55
C ALA C 60 5.11 -12.01 -4.04
N ARG C 61 3.91 -12.22 -4.57
CA ARG C 61 3.69 -12.04 -6.00
C ARG C 61 3.39 -10.59 -6.38
N TYR C 62 2.52 -9.92 -5.64
CA TYR C 62 2.03 -8.59 -6.06
C TYR C 62 2.46 -7.40 -5.21
N GLY C 63 3.16 -7.65 -4.13
CA GLY C 63 3.42 -6.60 -3.16
C GLY C 63 2.18 -6.25 -2.33
N LYS C 64 2.11 -5.01 -1.88
CA LYS C 64 1.25 -4.69 -0.77
C LYS C 64 -0.12 -4.22 -1.28
N ILE C 65 -0.88 -5.17 -1.83
CA ILE C 65 -2.18 -4.87 -2.43
C ILE C 65 -3.36 -5.49 -1.65
N SER C 66 -3.07 -6.14 -0.54
CA SER C 66 -4.08 -6.90 0.23
C SER C 66 -4.40 -6.27 1.57
N LEU C 67 -5.64 -6.44 2.00
CA LEU C 67 -6.05 -6.12 3.35
C LEU C 67 -6.70 -7.38 3.94
N GLY C 68 -6.20 -7.83 5.11
CA GLY C 68 -6.84 -8.93 5.82
C GLY C 68 -7.78 -8.44 6.90
N ILE C 69 -8.91 -9.15 7.08
CA ILE C 69 -9.93 -8.81 8.07
C ILE C 69 -10.04 -9.91 9.08
N GLU C 70 -9.98 -9.57 10.37
CA GLU C 70 -9.89 -10.52 11.44
C GLU C 70 -10.76 -10.04 12.59
N ILE C 71 -11.73 -10.86 12.99
CA ILE C 71 -12.66 -10.49 14.06
C ILE C 71 -12.00 -10.39 15.45
N ARG C 72 -11.00 -11.24 15.70
CA ARG C 72 -10.30 -11.32 17.00
C ARG C 72 -9.33 -10.15 17.08
N GLU C 73 -9.58 -9.18 17.96
CA GLU C 73 -8.72 -7.99 18.04
C GLU C 73 -7.23 -8.26 18.35
N GLU C 74 -6.98 -9.16 19.31
CA GLU C 74 -5.62 -9.59 19.69
C GLU C 74 -4.85 -10.13 18.45
N ALA C 75 -5.52 -11.02 17.69
CA ALA C 75 -4.98 -11.57 16.46
C ALA C 75 -4.68 -10.49 15.41
N ALA C 76 -5.57 -9.50 15.28
CA ALA C 76 -5.38 -8.44 14.31
C ALA C 76 -4.18 -7.61 14.70
N GLN C 77 -4.07 -7.32 16.01
CA GLN C 77 -2.96 -6.54 16.50
C GLN C 77 -1.64 -7.28 16.36
N GLN C 78 -1.68 -8.58 16.59
CA GLN C 78 -0.44 -9.33 16.36
C GLN C 78 -0.02 -9.32 14.90
N HIS C 79 -0.96 -9.45 13.98
CA HIS C 79 -0.64 -9.34 12.54
C HIS C 79 0.00 -8.01 12.20
N ARG C 80 -0.56 -6.94 12.76
CA ARG C 80 -0.02 -5.59 12.52
C ARG C 80 1.42 -5.46 13.08
N SER C 81 1.64 -6.03 14.25
CA SER C 81 3.03 -6.08 14.82
C SER C 81 4.02 -6.84 13.94
N GLU C 82 3.52 -7.87 13.26
CA GLU C 82 4.29 -8.68 12.34
C GLU C 82 4.43 -8.04 10.96
N GLY C 83 3.91 -6.83 10.80
CA GLY C 83 4.04 -6.08 9.56
C GLY C 83 2.97 -6.37 8.51
N ARG C 84 1.91 -7.11 8.85
CA ARG C 84 0.84 -7.33 7.82
C ARG C 84 -0.27 -6.27 7.90
N ASN C 85 -0.88 -5.96 6.74
CA ASN C 85 -1.94 -4.98 6.62
C ASN C 85 -3.24 -5.65 6.98
N VAL C 86 -3.61 -5.58 8.25
CA VAL C 86 -4.76 -6.30 8.79
C VAL C 86 -5.52 -5.34 9.71
N ILE C 87 -6.84 -5.34 9.65
CA ILE C 87 -7.65 -4.54 10.59
C ILE C 87 -8.67 -5.49 11.26
N SER C 88 -9.21 -5.09 12.41
CA SER C 88 -10.21 -5.96 13.01
C SER C 88 -11.61 -5.55 12.57
N GLY C 89 -12.54 -6.50 12.54
CA GLY C 89 -13.88 -6.20 12.12
C GLY C 89 -14.58 -7.49 11.82
N ASP C 90 -15.89 -7.41 11.62
CA ASP C 90 -16.73 -8.54 11.46
C ASP C 90 -17.28 -8.59 10.02
N ALA C 91 -16.78 -9.56 9.25
CA ALA C 91 -17.14 -9.70 7.84
C ALA C 91 -18.58 -10.18 7.65
N THR C 92 -19.30 -10.47 8.72
CA THR C 92 -20.72 -10.79 8.55
C THR C 92 -21.65 -9.61 8.83
N ASP C 93 -21.07 -8.46 9.19
CA ASP C 93 -21.84 -7.29 9.63
C ASP C 93 -22.04 -6.34 8.45
N PRO C 94 -23.32 -6.15 8.01
CA PRO C 94 -23.62 -5.28 6.88
C PRO C 94 -23.08 -3.88 7.06
N ASP C 95 -23.04 -3.37 8.28
N ASP C 95 -23.04 -3.40 8.30
CA ASP C 95 -22.54 -2.02 8.47
CA ASP C 95 -22.58 -2.04 8.57
C ASP C 95 -21.04 -1.88 8.29
C ASP C 95 -21.09 -1.88 8.33
N PHE C 96 -20.31 -2.92 8.63
CA PHE C 96 -18.88 -2.91 8.40
C PHE C 96 -18.61 -2.89 6.89
N TRP C 97 -19.39 -3.69 6.15
CA TRP C 97 -19.35 -3.63 4.67
C TRP C 97 -19.67 -2.24 4.12
N GLU C 98 -20.79 -1.68 4.57
CA GLU C 98 -21.23 -0.36 4.06
C GLU C 98 -20.29 0.76 4.47
N ARG C 99 -19.81 0.69 5.71
CA ARG C 99 -18.97 1.81 6.23
C ARG C 99 -17.49 1.75 5.82
N ILE C 100 -16.97 0.52 5.77
CA ILE C 100 -15.53 0.32 5.64
C ILE C 100 -15.15 -0.49 4.39
N LEU C 101 -15.70 -1.69 4.25
CA LEU C 101 -15.09 -2.61 3.25
C LEU C 101 -15.42 -2.34 1.80
N ASP C 102 -16.62 -1.84 1.55
CA ASP C 102 -17.04 -1.56 0.18
C ASP C 102 -16.48 -0.21 -0.27
N THR C 103 -15.22 -0.24 -0.63
CA THR C 103 -14.52 0.97 -1.07
C THR C 103 -14.62 1.25 -2.55
N GLY C 104 -14.98 0.24 -3.35
CA GLY C 104 -14.96 0.37 -4.79
C GLY C 104 -13.62 0.02 -5.44
N HIS C 105 -12.61 -0.31 -4.64
CA HIS C 105 -11.28 -0.67 -5.18
C HIS C 105 -11.00 -2.16 -5.20
N VAL C 106 -11.88 -2.95 -4.60
CA VAL C 106 -11.62 -4.39 -4.35
C VAL C 106 -11.91 -5.18 -5.63
N LYS C 107 -10.90 -5.93 -6.09
CA LYS C 107 -11.01 -6.75 -7.31
C LYS C 107 -11.19 -8.20 -6.99
N LEU C 108 -10.75 -8.60 -5.82
CA LEU C 108 -10.80 -10.01 -5.40
C LEU C 108 -11.03 -10.11 -3.91
N VAL C 109 -11.92 -11.00 -3.51
CA VAL C 109 -12.22 -11.27 -2.10
C VAL C 109 -11.94 -12.76 -1.92
N LEU C 110 -11.12 -13.10 -0.92
CA LEU C 110 -10.86 -14.48 -0.50
C LEU C 110 -11.62 -14.76 0.76
N LEU C 111 -12.40 -15.83 0.74
CA LEU C 111 -13.20 -16.27 1.90
C LEU C 111 -12.41 -17.36 2.60
N ALA C 112 -11.86 -17.06 3.79
CA ALA C 112 -10.98 -17.98 4.49
C ALA C 112 -11.53 -18.15 5.91
N MSE C 113 -12.84 -18.39 5.96
CA MSE C 113 -13.54 -18.67 7.23
C MSE C 113 -14.32 -19.98 7.09
O MSE C 113 -15.59 -19.97 7.05
CB MSE C 113 -14.46 -17.48 7.62
CG MSE C 113 -13.73 -16.14 7.84
SE MSE C 113 -14.90 -14.60 7.65
CE MSE C 113 -15.32 -14.85 5.77
N PRO C 114 -13.60 -21.14 7.07
CA PRO C 114 -14.26 -22.42 6.75
C PRO C 114 -15.05 -23.03 7.91
N HIS C 115 -15.08 -22.38 9.06
CA HIS C 115 -15.94 -22.86 10.14
C HIS C 115 -17.10 -21.94 10.46
N HIS C 116 -18.10 -22.50 11.11
CA HIS C 116 -19.25 -21.75 11.52
C HIS C 116 -20.00 -20.97 10.46
N GLN C 117 -20.08 -21.50 9.26
CA GLN C 117 -20.80 -20.80 8.18
C GLN C 117 -20.24 -19.40 7.88
N GLY C 118 -19.02 -19.12 8.31
CA GLY C 118 -18.42 -17.80 8.06
C GLY C 118 -18.35 -17.46 6.59
N ASN C 119 -17.83 -18.36 5.78
CA ASN C 119 -17.73 -18.12 4.35
C ASN C 119 -19.08 -17.74 3.70
N GLN C 120 -20.12 -18.49 4.00
CA GLN C 120 -21.40 -18.31 3.37
C GLN C 120 -22.06 -17.05 3.86
N THR C 121 -21.87 -16.73 5.15
CA THR C 121 -22.46 -15.52 5.74
C THR C 121 -21.82 -14.29 5.17
N ALA C 122 -20.50 -14.29 5.08
CA ALA C 122 -19.79 -13.16 4.47
C ALA C 122 -20.15 -12.99 3.01
N LEU C 123 -20.25 -14.11 2.30
CA LEU C 123 -20.65 -14.13 0.89
C LEU C 123 -22.03 -13.45 0.72
N GLU C 124 -22.98 -13.78 1.58
CA GLU C 124 -24.29 -13.15 1.55
C GLU C 124 -24.18 -11.59 1.58
N GLN C 125 -23.36 -11.07 2.50
CA GLN C 125 -23.16 -9.62 2.65
C GLN C 125 -22.55 -8.99 1.42
N LEU C 126 -21.57 -9.66 0.86
CA LEU C 126 -20.89 -9.18 -0.33
C LEU C 126 -21.84 -9.08 -1.50
N GLN C 127 -22.66 -10.10 -1.67
CA GLN C 127 -23.65 -10.14 -2.76
C GLN C 127 -24.78 -9.10 -2.68
N ARG C 128 -25.13 -8.71 -1.45
CA ARG C 128 -26.10 -7.60 -1.24
C ARG C 128 -25.57 -6.24 -1.68
N ARG C 129 -24.26 -6.06 -1.75
CA ARG C 129 -23.58 -4.82 -2.05
C ARG C 129 -23.38 -4.42 -3.48
N ASN C 130 -23.73 -5.24 -4.36
CA ASN C 130 -23.39 -4.96 -5.81
C ASN C 130 -21.96 -4.93 -6.31
N TYR C 131 -21.26 -5.89 -5.82
CA TYR C 131 -19.84 -6.19 -5.96
C TYR C 131 -19.60 -6.77 -7.33
N LYS C 132 -18.71 -6.13 -8.09
CA LYS C 132 -18.46 -6.52 -9.47
C LYS C 132 -17.17 -7.31 -9.68
N GLY C 133 -16.38 -7.50 -8.62
CA GLY C 133 -15.13 -8.25 -8.73
C GLY C 133 -15.27 -9.76 -8.60
N GLN C 134 -14.16 -10.41 -8.32
CA GLN C 134 -14.12 -11.86 -8.21
C GLN C 134 -14.14 -12.31 -6.75
N ILE C 135 -14.58 -13.54 -6.54
CA ILE C 135 -14.66 -14.11 -5.23
C ILE C 135 -14.12 -15.52 -5.30
N ALA C 136 -13.28 -15.89 -4.34
CA ALA C 136 -12.84 -17.29 -4.21
C ALA C 136 -12.93 -17.73 -2.75
N ALA C 137 -13.16 -19.01 -2.54
CA ALA C 137 -13.39 -19.54 -1.19
C ALA C 137 -12.60 -20.81 -0.97
N ILE C 138 -12.26 -21.07 0.30
CA ILE C 138 -11.65 -22.34 0.63
C ILE C 138 -12.53 -22.98 1.71
N ALA C 139 -12.85 -24.25 1.52
CA ALA C 139 -13.78 -24.98 2.39
C ALA C 139 -13.20 -26.28 2.90
N GLU C 140 -13.75 -26.74 4.02
CA GLU C 140 -13.26 -27.93 4.67
C GLU C 140 -13.75 -29.20 3.97
N TYR C 141 -14.98 -29.19 3.47
CA TYR C 141 -15.59 -30.42 2.93
C TYR C 141 -16.15 -30.25 1.52
N PRO C 142 -16.24 -31.37 0.76
CA PRO C 142 -16.87 -31.44 -0.58
C PRO C 142 -18.22 -30.74 -0.81
N ASP C 143 -19.27 -31.06 -0.04
CA ASP C 143 -20.57 -30.38 -0.20
C ASP C 143 -20.52 -28.90 0.08
N GLN C 144 -19.56 -28.48 0.91
CA GLN C 144 -19.41 -27.07 1.18
C GLN C 144 -18.93 -26.29 -0.04
N LEU C 145 -17.95 -26.83 -0.76
CA LEU C 145 -17.44 -26.25 -2.03
C LEU C 145 -18.54 -26.12 -3.06
N GLU C 146 -19.37 -27.15 -3.13
CA GLU C 146 -20.48 -27.19 -4.07
C GLU C 146 -21.46 -26.07 -3.82
N GLY C 147 -21.85 -25.86 -2.55
CA GLY C 147 -22.78 -24.77 -2.17
C GLY C 147 -22.21 -23.39 -2.46
N LEU C 148 -20.91 -23.24 -2.21
CA LEU C 148 -20.24 -21.96 -2.45
C LEU C 148 -20.31 -21.63 -3.94
N LEU C 149 -19.96 -22.60 -4.79
CA LEU C 149 -20.01 -22.40 -6.26
C LEU C 149 -21.43 -22.12 -6.77
N GLU C 150 -22.39 -22.86 -6.22
CA GLU C 150 -23.80 -22.64 -6.53
C GLU C 150 -24.24 -21.24 -6.11
N SER C 151 -23.70 -20.71 -5.02
CA SER C 151 -24.10 -19.38 -4.55
C SER C 151 -23.35 -18.28 -5.29
N GLY C 152 -22.46 -18.65 -6.21
CA GLY C 152 -21.84 -17.66 -7.09
C GLY C 152 -20.36 -17.33 -6.91
N VAL C 153 -19.65 -18.09 -6.09
CA VAL C 153 -18.19 -17.83 -6.00
C VAL C 153 -17.56 -18.26 -7.32
N ASP C 154 -16.51 -17.58 -7.71
CA ASP C 154 -15.87 -17.85 -9.00
C ASP C 154 -14.99 -19.08 -8.94
N ALA C 155 -14.37 -19.32 -7.79
CA ALA C 155 -13.51 -20.49 -7.65
C ALA C 155 -13.57 -20.99 -6.21
N ALA C 156 -13.62 -22.32 -6.03
CA ALA C 156 -13.61 -22.85 -4.68
C ALA C 156 -12.67 -24.03 -4.56
N PHE C 157 -12.07 -24.17 -3.37
CA PHE C 157 -11.00 -25.12 -3.14
C PHE C 157 -11.17 -25.82 -1.81
N ASN C 158 -10.59 -27.01 -1.71
CA ASN C 158 -10.61 -27.80 -0.50
C ASN C 158 -9.35 -27.54 0.32
N ILE C 159 -9.52 -27.24 1.60
CA ILE C 159 -8.35 -26.95 2.48
C ILE C 159 -7.21 -27.99 2.37
N TYR C 160 -7.58 -29.25 2.49
CA TYR C 160 -6.58 -30.31 2.58
C TYR C 160 -5.90 -30.66 1.27
N SER C 161 -6.63 -30.60 0.16
CA SER C 161 -6.03 -30.79 -1.16
C SER C 161 -5.04 -29.68 -1.46
N GLU C 162 -5.41 -28.45 -1.14
CA GLU C 162 -4.47 -27.31 -1.25
C GLU C 162 -3.25 -27.49 -0.34
N ALA C 163 -3.47 -27.98 0.89
CA ALA C 163 -2.38 -28.17 1.83
C ALA C 163 -1.39 -29.20 1.30
N GLY C 164 -1.88 -30.25 0.63
CA GLY C 164 -0.98 -31.32 0.15
C GLY C 164 -0.13 -30.82 -1.01
N SER C 165 -0.74 -30.08 -1.90
CA SER C 165 0.00 -29.45 -2.98
C SER C 165 1.10 -28.50 -2.49
N GLY C 166 0.75 -27.59 -1.56
CA GLY C 166 1.70 -26.67 -0.97
C GLY C 166 2.80 -27.37 -0.19
N PHE C 167 2.42 -28.36 0.58
CA PHE C 167 3.35 -29.17 1.30
C PHE C 167 4.43 -29.75 0.35
N ALA C 168 4.02 -30.36 -0.76
CA ALA C 168 4.99 -30.98 -1.64
C ALA C 168 5.93 -29.92 -2.23
N ARG C 169 5.40 -28.77 -2.60
N ARG C 169 5.37 -28.77 -2.58
CA ARG C 169 6.25 -27.71 -3.17
CA ARG C 169 6.14 -27.66 -3.17
C ARG C 169 7.23 -27.19 -2.16
C ARG C 169 7.17 -27.09 -2.19
N HIS C 170 6.72 -26.83 -0.97
CA HIS C 170 7.56 -26.25 0.09
C HIS C 170 8.66 -27.25 0.54
N VAL C 171 8.34 -28.54 0.58
CA VAL C 171 9.36 -29.56 0.89
C VAL C 171 10.47 -29.64 -0.15
N CYS C 172 10.08 -29.63 -1.42
CA CYS C 172 11.07 -29.69 -2.49
C CYS C 172 11.91 -28.43 -2.52
N LYS C 173 11.31 -27.31 -2.13
CA LYS C 173 12.05 -26.06 -1.99
C LYS C 173 13.08 -26.10 -0.86
N GLN C 174 12.63 -26.44 0.35
CA GLN C 174 13.50 -26.47 1.52
C GLN C 174 14.59 -27.53 1.44
N LEU C 175 14.24 -28.76 1.03
CA LEU C 175 15.16 -29.90 1.10
C LEU C 175 15.93 -30.23 -0.20
N GLU C 176 15.49 -29.66 -1.33
CA GLU C 176 16.00 -29.98 -2.67
C GLU C 176 16.38 -31.46 -2.90
N PRO C 177 15.40 -32.40 -2.75
CA PRO C 177 15.76 -33.82 -2.86
C PRO C 177 16.32 -34.11 -4.24
N GLN C 178 17.34 -34.97 -4.32
CA GLN C 178 17.96 -35.22 -5.63
C GLN C 178 17.25 -36.40 -6.26
N PHE C 179 16.18 -36.10 -6.99
CA PHE C 179 15.41 -37.10 -7.71
C PHE C 179 16.06 -37.28 -9.08
N ALA D 40 20.11 21.61 16.57
CA ALA D 40 20.93 21.07 15.44
C ALA D 40 21.61 22.21 14.66
N GLN D 41 21.87 22.00 13.36
CA GLN D 41 22.48 23.02 12.49
C GLN D 41 21.96 22.90 11.04
N VAL D 42 21.80 24.04 10.38
CA VAL D 42 21.35 24.08 8.98
C VAL D 42 22.30 24.90 8.12
N LEU D 43 22.58 24.39 6.92
CA LEU D 43 23.40 25.10 5.94
C LEU D 43 22.46 25.58 4.84
N ILE D 44 22.47 26.87 4.54
CA ILE D 44 21.62 27.42 3.46
C ILE D 44 22.48 27.98 2.34
N LEU D 45 22.51 27.26 1.22
CA LEU D 45 23.34 27.63 0.07
C LEU D 45 22.60 28.61 -0.85
N GLY D 46 23.12 29.83 -0.92
CA GLY D 46 22.43 30.93 -1.61
C GLY D 46 21.61 31.77 -0.63
N MSE D 47 21.90 33.06 -0.56
CA MSE D 47 21.27 33.97 0.42
C MSE D 47 20.64 35.22 -0.21
O MSE D 47 20.54 36.29 0.43
CB MSE D 47 22.24 34.35 1.55
CG MSE D 47 22.44 33.25 2.62
SE MSE D 47 20.80 32.73 3.57
CE MSE D 47 20.47 34.47 4.45
N GLY D 48 20.16 35.10 -1.44
CA GLY D 48 19.29 36.11 -2.04
C GLY D 48 17.92 36.01 -1.38
N ARG D 49 16.88 36.50 -2.05
CA ARG D 49 15.57 36.61 -1.41
C ARG D 49 15.00 35.26 -0.93
N ILE D 50 15.19 34.21 -1.72
CA ILE D 50 14.67 32.89 -1.34
C ILE D 50 15.44 32.37 -0.12
N GLY D 51 16.76 32.34 -0.25
CA GLY D 51 17.65 31.88 0.81
C GLY D 51 17.37 32.65 2.08
N THR D 52 17.29 33.97 1.96
CA THR D 52 16.95 34.86 3.07
C THR D 52 15.61 34.53 3.74
N GLY D 53 14.56 34.32 2.93
CA GLY D 53 13.26 33.88 3.43
C GLY D 53 13.32 32.59 4.23
N ALA D 54 14.08 31.62 3.71
CA ALA D 54 14.32 30.35 4.39
C ALA D 54 15.06 30.59 5.70
N TYR D 55 16.12 31.39 5.64
CA TYR D 55 16.89 31.72 6.83
C TYR D 55 15.96 32.22 7.96
N ASP D 56 15.20 33.27 7.69
CA ASP D 56 14.30 33.88 8.69
C ASP D 56 13.19 32.99 9.20
N GLU D 57 12.67 32.11 8.35
CA GLU D 57 11.62 31.17 8.74
C GLU D 57 12.16 30.21 9.81
N LEU D 58 13.34 29.65 9.54
CA LEU D 58 13.96 28.65 10.44
C LEU D 58 14.32 29.25 11.80
N ARG D 59 14.67 30.52 11.77
CA ARG D 59 15.10 31.28 12.94
C ARG D 59 13.93 31.51 13.89
N ALA D 60 12.71 31.41 13.35
CA ALA D 60 11.48 31.60 14.10
C ALA D 60 11.06 30.31 14.80
N ILE D 65 20.12 26.38 14.83
CA ILE D 65 20.06 27.53 13.92
C ILE D 65 20.90 27.34 12.64
N SER D 66 21.08 28.42 11.91
CA SER D 66 21.49 28.34 10.51
C SER D 66 22.78 29.09 10.18
N LEU D 67 23.48 28.56 9.18
CA LEU D 67 24.56 29.27 8.55
C LEU D 67 24.22 29.37 7.06
N GLY D 68 24.16 30.61 6.57
CA GLY D 68 23.95 30.87 5.14
C GLY D 68 25.27 31.05 4.44
N ILE D 69 25.33 30.69 3.16
CA ILE D 69 26.56 30.79 2.37
C ILE D 69 26.29 31.39 1.01
N GLU D 70 27.12 32.35 0.60
CA GLU D 70 27.00 32.98 -0.73
C GLU D 70 28.33 33.36 -1.41
N ILE D 71 28.22 33.99 -2.59
CA ILE D 71 29.34 34.33 -3.48
C ILE D 71 30.05 33.07 -3.98
N ASN D 85 24.09 33.75 11.09
CA ASN D 85 25.36 34.02 10.42
C ASN D 85 25.32 33.69 8.94
N VAL D 86 25.94 34.55 8.14
CA VAL D 86 26.19 34.30 6.72
C VAL D 86 27.70 34.37 6.41
N ILE D 87 28.23 33.26 5.91
CA ILE D 87 29.65 33.12 5.60
C ILE D 87 29.90 33.34 4.09
N SER D 88 31.14 33.64 3.74
CA SER D 88 31.53 33.93 2.34
C SER D 88 32.05 32.69 1.59
N GLY D 89 31.91 32.71 0.27
CA GLY D 89 32.64 31.80 -0.61
C GLY D 89 31.96 30.51 -1.05
N ASP D 90 31.93 30.29 -2.37
CA ASP D 90 31.46 29.02 -2.95
C ASP D 90 32.32 28.61 -4.14
N VAL D 106 25.72 19.41 11.16
CA VAL D 106 24.82 19.73 10.04
C VAL D 106 23.86 18.60 9.73
N LYS D 107 22.58 18.86 9.94
CA LYS D 107 21.55 17.84 9.79
C LYS D 107 20.69 18.09 8.55
N LEU D 108 20.74 19.35 8.09
CA LEU D 108 19.97 19.78 6.92
C LEU D 108 20.74 20.81 6.09
N VAL D 109 20.81 20.56 4.78
CA VAL D 109 21.31 21.56 3.84
C VAL D 109 20.17 21.97 2.90
N LEU D 110 20.05 23.28 2.67
CA LEU D 110 19.08 23.86 1.74
C LEU D 110 19.80 24.44 0.51
N LEU D 111 19.40 23.96 -0.66
CA LEU D 111 19.93 24.43 -1.93
C LEU D 111 19.00 25.51 -2.49
N ALA D 112 19.35 26.76 -2.20
CA ALA D 112 18.56 27.94 -2.53
C ALA D 112 19.33 28.77 -3.56
N MSE D 113 19.77 28.08 -4.60
CA MSE D 113 20.49 28.69 -5.73
C MSE D 113 19.84 28.24 -7.04
O MSE D 113 20.38 27.34 -7.73
CB MSE D 113 21.96 28.26 -5.71
CG MSE D 113 22.70 28.65 -4.44
SE MSE D 113 24.54 28.01 -4.52
CE MSE D 113 25.09 29.25 -5.95
N PRO D 114 18.67 28.83 -7.39
CA PRO D 114 17.89 28.37 -8.55
C PRO D 114 18.47 28.74 -9.93
N HIS D 115 19.19 29.86 -10.00
CA HIS D 115 19.72 30.36 -11.28
C HIS D 115 20.98 29.64 -11.73
N HIS D 116 21.00 29.25 -13.00
CA HIS D 116 22.21 28.78 -13.71
C HIS D 116 23.03 27.69 -12.99
N GLN D 117 22.40 26.53 -12.77
CA GLN D 117 23.06 25.30 -12.32
C GLN D 117 23.59 25.23 -10.87
N GLY D 118 23.45 26.31 -10.11
CA GLY D 118 23.95 26.40 -8.73
C GLY D 118 23.66 25.19 -7.83
N ASN D 119 22.39 24.80 -7.77
CA ASN D 119 21.96 23.71 -6.88
C ASN D 119 22.56 22.35 -7.20
N GLN D 120 22.95 22.18 -8.46
CA GLN D 120 23.47 20.90 -8.93
C GLN D 120 24.98 20.78 -8.76
N THR D 121 25.67 21.92 -8.80
CA THR D 121 27.11 21.96 -8.51
C THR D 121 27.36 21.61 -7.04
N ALA D 122 26.63 22.27 -6.13
CA ALA D 122 26.76 22.02 -4.69
C ALA D 122 26.29 20.61 -4.32
N LEU D 123 25.19 20.16 -4.91
CA LEU D 123 24.70 18.80 -4.66
C LEU D 123 25.80 17.78 -4.95
N GLU D 124 26.41 17.90 -6.12
CA GLU D 124 27.45 16.96 -6.54
C GLU D 124 28.64 17.06 -5.56
N GLN D 125 29.01 18.26 -5.17
CA GLN D 125 30.09 18.44 -4.21
C GLN D 125 29.77 17.91 -2.84
N LEU D 126 28.57 18.16 -2.39
CA LEU D 126 28.16 17.67 -1.08
C LEU D 126 28.26 16.15 -0.98
N GLN D 127 27.97 15.46 -2.08
CA GLN D 127 28.00 14.01 -2.09
C GLN D 127 29.41 13.40 -2.25
N ARG D 128 30.37 14.18 -2.69
CA ARG D 128 31.74 13.72 -2.64
C ARG D 128 32.10 13.70 -1.17
N ARG D 129 31.44 14.51 -0.38
CA ARG D 129 31.78 14.59 1.02
C ARG D 129 31.12 13.54 1.87
N ASN D 130 30.41 12.62 1.26
CA ASN D 130 29.76 11.58 2.04
C ASN D 130 28.83 12.18 3.05
N TYR D 131 28.11 13.22 2.65
CA TYR D 131 27.28 13.87 3.60
C TYR D 131 26.28 12.89 4.09
N LYS D 132 26.10 12.86 5.39
CA LYS D 132 25.15 11.98 6.00
C LYS D 132 23.75 12.56 6.15
N GLY D 133 23.64 13.87 6.40
CA GLY D 133 22.35 14.49 6.70
C GLY D 133 21.30 14.46 5.59
N GLN D 134 20.35 15.39 5.65
CA GLN D 134 19.30 15.48 4.64
C GLN D 134 19.53 16.70 3.75
N ILE D 135 19.09 16.60 2.51
CA ILE D 135 19.26 17.67 1.51
C ILE D 135 17.91 18.02 0.90
N ALA D 136 17.63 19.31 0.81
CA ALA D 136 16.46 19.79 0.06
C ALA D 136 16.85 20.91 -0.88
N ALA D 137 16.15 21.01 -2.02
CA ALA D 137 16.43 22.04 -3.03
C ALA D 137 15.16 22.75 -3.56
N ILE D 138 15.32 24.02 -3.92
CA ILE D 138 14.23 24.79 -4.56
C ILE D 138 14.68 25.19 -5.96
N ALA D 139 13.78 25.08 -6.94
CA ALA D 139 14.14 25.23 -8.35
C ALA D 139 13.05 25.98 -9.11
N GLU D 140 13.42 26.63 -10.23
CA GLU D 140 12.47 27.45 -11.01
C GLU D 140 11.54 26.66 -11.93
N TYR D 141 12.07 25.60 -12.57
CA TYR D 141 11.30 24.84 -13.56
C TYR D 141 10.95 23.44 -13.06
N PRO D 142 9.67 23.04 -13.18
CA PRO D 142 9.18 21.76 -12.64
C PRO D 142 9.85 20.56 -13.30
N ASP D 143 10.56 20.83 -14.39
CA ASP D 143 11.29 19.83 -15.12
C ASP D 143 12.73 19.78 -14.67
N GLN D 144 13.05 20.58 -13.68
CA GLN D 144 14.35 20.52 -13.05
C GLN D 144 14.22 19.71 -11.77
N LEU D 145 13.00 19.60 -11.25
CA LEU D 145 12.79 18.92 -10.00
C LEU D 145 13.14 17.47 -10.14
N GLU D 146 12.76 16.91 -11.28
CA GLU D 146 12.99 15.53 -11.61
C GLU D 146 14.46 15.22 -11.47
N GLY D 147 15.27 16.04 -12.10
CA GLY D 147 16.71 15.92 -12.01
C GLY D 147 17.35 15.91 -10.64
N LEU D 148 16.86 16.74 -9.74
CA LEU D 148 17.44 16.85 -8.42
C LEU D 148 17.11 15.70 -7.50
N LEU D 149 15.89 15.22 -7.60
CA LEU D 149 15.47 14.03 -6.85
C LEU D 149 16.14 12.77 -7.42
N GLU D 150 16.37 12.79 -8.72
CA GLU D 150 17.02 11.71 -9.46
C GLU D 150 18.52 11.65 -9.12
N SER D 151 19.09 12.81 -8.79
CA SER D 151 20.49 12.91 -8.36
C SER D 151 20.66 12.75 -6.84
N GLY D 152 19.55 12.65 -6.11
CA GLY D 152 19.59 12.31 -4.68
C GLY D 152 19.27 13.34 -3.59
N VAL D 153 18.48 14.37 -3.90
CA VAL D 153 17.97 15.25 -2.83
C VAL D 153 16.78 14.58 -2.17
N ASP D 154 16.63 14.81 -0.87
CA ASP D 154 15.54 14.21 -0.12
C ASP D 154 14.20 14.86 -0.45
N ALA D 155 14.23 16.16 -0.77
CA ALA D 155 13.01 16.86 -1.22
C ALA D 155 13.38 18.01 -2.15
N ALA D 156 12.59 18.16 -3.23
CA ALA D 156 12.78 19.26 -4.17
C ALA D 156 11.45 19.94 -4.44
N PHE D 157 11.48 21.27 -4.52
CA PHE D 157 10.25 22.07 -4.63
C PHE D 157 10.42 23.19 -5.64
N ASN D 158 9.32 23.66 -6.20
CA ASN D 158 9.35 24.72 -7.19
C ASN D 158 9.08 26.10 -6.53
N ILE D 159 9.77 27.13 -7.01
CA ILE D 159 9.76 28.44 -6.38
C ILE D 159 8.32 28.95 -6.20
N TYR D 160 7.61 28.97 -7.32
CA TYR D 160 6.32 29.66 -7.40
C TYR D 160 5.25 28.93 -6.66
N SER D 161 5.29 27.60 -6.65
CA SER D 161 4.38 26.80 -5.83
C SER D 161 4.64 27.07 -4.36
N GLU D 162 5.92 27.17 -3.98
CA GLU D 162 6.31 27.47 -2.60
C GLU D 162 5.90 28.90 -2.25
N ALA D 163 6.08 29.81 -3.20
CA ALA D 163 5.63 31.20 -3.03
C ALA D 163 4.15 31.24 -2.67
N GLY D 164 3.33 30.49 -3.42
CA GLY D 164 1.87 30.44 -3.18
C GLY D 164 1.49 29.93 -1.80
N SER D 165 2.12 28.82 -1.39
CA SER D 165 1.92 28.22 -0.08
C SER D 165 2.33 29.16 1.05
N GLY D 166 3.50 29.78 0.90
CA GLY D 166 4.01 30.71 1.92
C GLY D 166 3.08 31.90 2.05
N PHE D 167 2.73 32.47 0.90
CA PHE D 167 1.79 33.59 0.77
C PHE D 167 0.47 33.29 1.49
N ALA D 168 -0.21 32.21 1.12
CA ALA D 168 -1.50 31.89 1.75
C ALA D 168 -1.44 31.80 3.28
N ARG D 169 -0.46 31.06 3.79
CA ARG D 169 -0.30 30.88 5.22
C ARG D 169 0.03 32.18 5.94
N HIS D 170 0.91 32.98 5.35
CA HIS D 170 1.27 34.24 6.01
C HIS D 170 0.05 35.18 6.05
N VAL D 171 -0.71 35.19 4.97
CA VAL D 171 -1.92 35.98 4.89
C VAL D 171 -2.88 35.60 6.00
N CYS D 172 -3.16 34.31 6.13
CA CYS D 172 -4.08 33.85 7.14
C CYS D 172 -3.56 34.10 8.57
N LYS D 173 -2.25 33.99 8.78
CA LYS D 173 -1.71 34.28 10.12
C LYS D 173 -1.75 35.76 10.47
N GLN D 174 -1.42 36.61 9.48
CA GLN D 174 -1.44 38.05 9.70
C GLN D 174 -2.85 38.63 9.83
N LEU D 175 -3.77 38.15 8.99
CA LEU D 175 -5.09 38.75 8.86
C LEU D 175 -6.19 38.05 9.64
N GLU D 176 -5.98 36.82 10.04
CA GLU D 176 -6.98 36.05 10.78
C GLU D 176 -8.39 36.19 10.25
N PRO D 177 -8.67 35.78 9.01
CA PRO D 177 -10.00 36.04 8.49
C PRO D 177 -11.00 35.22 9.29
N GLN D 178 -12.20 35.75 9.44
CA GLN D 178 -13.20 35.15 10.27
C GLN D 178 -13.95 34.07 9.51
N PHE D 179 -13.25 32.96 9.22
CA PHE D 179 -13.81 31.88 8.40
C PHE D 179 -14.91 31.13 9.15
N THR D 180 -16.07 31.05 8.51
CA THR D 180 -17.31 30.47 9.04
C THR D 180 -17.55 29.02 8.64
N SER D 181 -18.22 28.33 9.58
CA SER D 181 -18.75 26.97 9.46
C SER D 181 -17.91 26.01 8.63
N ILE D 182 -16.70 25.81 9.11
CA ILE D 182 -15.74 24.92 8.57
C ILE D 182 -16.10 23.61 9.23
N LYS D 183 -15.96 22.51 8.51
CA LYS D 183 -16.26 21.20 9.06
C LYS D 183 -15.15 20.73 10.02
S SO4 E . -4.83 -52.79 9.75
O1 SO4 E . -5.14 -54.22 9.82
O2 SO4 E . -3.81 -52.54 8.72
O3 SO4 E . -6.02 -52.05 9.33
O4 SO4 E . -4.35 -52.35 11.07
S SO4 F . -11.08 17.70 2.02
O1 SO4 F . -10.65 16.45 2.68
O2 SO4 F . -11.55 17.34 0.68
O3 SO4 F . -12.17 18.31 2.80
O4 SO4 F . -10.01 18.69 1.88
P AMP G . -12.68 -20.21 11.47
O1P AMP G . -11.59 -21.26 11.29
O2P AMP G . -13.68 -20.09 10.35
O3P AMP G . -13.19 -20.26 12.88
O5' AMP G . -11.87 -18.82 11.35
C5' AMP G . -10.58 -18.72 10.75
C4' AMP G . -10.09 -17.29 11.02
O4' AMP G . -11.14 -16.39 10.62
C3' AMP G . -9.84 -17.05 12.50
O3' AMP G . -8.69 -16.21 12.69
C2' AMP G . -11.08 -16.27 12.94
O2' AMP G . -10.95 -15.46 14.13
C1' AMP G . -11.40 -15.47 11.69
N9 AMP G . -12.83 -15.06 11.62
C8 AMP G . -13.89 -15.85 11.95
N7 AMP G . -15.05 -15.17 11.74
C5 AMP G . -14.75 -13.94 11.25
C6 AMP G . -15.53 -12.75 10.85
N6 AMP G . -16.90 -12.83 10.94
N1 AMP G . -14.86 -11.63 10.41
C2 AMP G . -13.52 -11.67 10.33
N3 AMP G . -12.75 -12.72 10.72
C4 AMP G . -13.28 -13.87 11.18
#